data_2POM
#
_entry.id   2POM
#
_cell.length_a   141.618
_cell.length_b   141.618
_cell.length_c   66.153
_cell.angle_alpha   90.00
_cell.angle_beta   90.00
_cell.angle_gamma   120.00
#
_symmetry.space_group_name_H-M   'P 3 2 1'
#
loop_
_entity.id
_entity.type
_entity.pdbx_description
1 polymer 'Mitogen-activated protein kinase kinase kinase 7-interacting protein 1'
2 non-polymer 'MANGANESE (II) ION'
3 water water
#
_entity_poly.entity_id   1
_entity_poly.type   'polypeptide(L)'
_entity_poly.pdbx_seq_one_letter_code
;GSMAAQRRSLLQSEQQPSWTDDLPLCHLSGVGSASNRSYSADGKGTESHPPEDSWLKFRSENNCFLYGVFNGYDGNRVTN
FVAQRLSAELLLGQLNAEHAEADVRRVLLQAFDVVERSFLESIDDALAEKASLQSQLPEGVPQHQLPPQYQKILERLKTL
EREISGGAMAVVAVLLNNKLYVANVGTNRALLCKSTVDGLQVTQLNVDHTTENEDELFRLSQLGLDAGKIKQVGIICGQE
STRRIGDYKVKYGYTDIDLLSAAKSKPIIAEPEIHGAQPLDGVTGFLVLMSEGLYKALEAAHGPGQANQEIAAMIDTEFA
KQTSLDAVAQAVVDRVKRIHSDTFASGGERARFCPRHEDMTLLVRNFGYPLG
;
_entity_poly.pdbx_strand_id   A
#
loop_
_chem_comp.id
_chem_comp.type
_chem_comp.name
_chem_comp.formula
MN non-polymer 'MANGANESE (II) ION' 'Mn 2'
#
# COMPACT_ATOMS: atom_id res chain seq x y z
N SER A 18 5.02 4.51 -19.08
CA SER A 18 6.00 3.41 -18.91
C SER A 18 7.44 3.83 -19.28
N TRP A 19 7.71 5.13 -19.15
CA TRP A 19 9.05 5.66 -19.44
C TRP A 19 10.00 5.13 -18.37
N THR A 20 9.40 4.58 -17.31
CA THR A 20 10.14 4.03 -16.17
C THR A 20 10.87 2.75 -16.51
N ASP A 21 10.48 2.12 -17.61
CA ASP A 21 11.10 0.88 -18.05
C ASP A 21 12.49 1.10 -18.63
N ASP A 22 12.92 2.35 -18.64
CA ASP A 22 14.23 2.71 -19.17
C ASP A 22 15.12 3.14 -18.01
N LEU A 23 14.51 3.17 -16.82
CA LEU A 23 15.20 3.57 -15.61
C LEU A 23 16.07 2.45 -15.06
N PRO A 24 17.29 2.79 -14.60
CA PRO A 24 18.21 1.78 -14.05
C PRO A 24 17.60 1.11 -12.81
N LEU A 25 17.56 -0.22 -12.82
CA LEU A 25 17.02 -0.96 -11.68
C LEU A 25 18.13 -1.07 -10.63
N CYS A 26 17.74 -1.10 -9.37
CA CYS A 26 18.70 -1.20 -8.28
C CYS A 26 19.14 -2.66 -8.11
N HIS A 27 20.45 -2.90 -8.04
CA HIS A 27 20.99 -4.25 -7.91
C HIS A 27 21.14 -4.70 -6.46
N LEU A 28 20.87 -3.81 -5.51
CA LEU A 28 20.97 -4.16 -4.11
C LEU A 28 19.64 -4.42 -3.46
N SER A 29 18.64 -4.73 -4.28
CA SER A 29 17.31 -5.00 -3.74
C SER A 29 16.59 -6.12 -4.46
N GLY A 30 15.59 -6.66 -3.77
CA GLY A 30 14.81 -7.74 -4.34
C GLY A 30 13.34 -7.62 -3.99
N VAL A 31 12.49 -8.22 -4.81
CA VAL A 31 11.07 -8.15 -4.59
C VAL A 31 10.48 -9.53 -4.74
N GLY A 32 9.54 -9.83 -3.86
CA GLY A 32 8.87 -11.11 -3.94
C GLY A 32 7.40 -10.77 -3.92
N SER A 33 6.57 -11.54 -4.60
CA SER A 33 5.14 -11.23 -4.52
C SER A 33 4.21 -12.38 -4.84
N ALA A 34 2.92 -12.15 -4.60
CA ALA A 34 1.95 -13.17 -4.91
C ALA A 34 0.59 -12.53 -4.83
N SER A 35 -0.34 -13.05 -5.60
CA SER A 35 -1.70 -12.51 -5.64
C SER A 35 -2.66 -12.95 -4.53
N ASN A 36 -3.71 -12.16 -4.32
CA ASN A 36 -4.76 -12.48 -3.37
C ASN A 36 -5.27 -13.86 -3.76
N ARG A 37 -5.84 -14.58 -2.79
CA ARG A 37 -6.43 -15.92 -3.03
C ARG A 37 -7.54 -16.18 -2.01
N SER A 38 -8.59 -16.86 -2.44
CA SER A 38 -9.69 -17.27 -1.55
C SER A 38 -9.74 -18.79 -1.71
N TYR A 39 -9.81 -19.52 -0.61
CA TYR A 39 -9.85 -20.96 -0.72
C TYR A 39 -11.26 -21.48 -0.93
N SER A 40 -11.39 -22.53 -1.73
CA SER A 40 -12.71 -23.10 -2.00
C SER A 40 -13.11 -23.90 -0.76
N ALA A 41 -14.41 -23.87 -0.44
CA ALA A 41 -14.95 -24.55 0.74
C ALA A 41 -14.40 -25.98 0.86
N ASP A 42 -14.81 -26.83 -0.08
CA ASP A 42 -14.33 -28.20 -0.08
C ASP A 42 -13.40 -28.40 -1.26
N GLY A 43 -12.34 -29.14 -0.99
CA GLY A 43 -11.38 -29.42 -2.02
C GLY A 43 -10.34 -28.34 -2.04
N LYS A 44 -9.34 -28.57 -2.88
CA LYS A 44 -8.26 -27.63 -3.06
C LYS A 44 -8.63 -26.92 -4.34
N GLY A 45 -8.37 -25.63 -4.37
CA GLY A 45 -8.73 -24.86 -5.53
C GLY A 45 -8.88 -23.47 -4.94
N THR A 46 -8.34 -22.46 -5.62
CA THR A 46 -8.39 -21.08 -5.15
C THR A 46 -9.00 -20.20 -6.25
N GLU A 47 -9.40 -18.99 -5.89
CA GLU A 47 -9.93 -18.01 -6.84
C GLU A 47 -9.15 -16.71 -6.54
N SER A 48 -8.89 -15.93 -7.58
CA SER A 48 -8.17 -14.66 -7.42
C SER A 48 -8.82 -13.60 -8.30
N HIS A 49 -8.68 -12.34 -7.87
CA HIS A 49 -9.17 -11.18 -8.63
C HIS A 49 -7.82 -10.58 -9.13
N PRO A 50 -7.83 -9.70 -10.15
CA PRO A 50 -6.53 -9.15 -10.60
C PRO A 50 -5.72 -8.53 -9.46
N PRO A 51 -4.40 -8.77 -9.43
CA PRO A 51 -3.65 -8.18 -8.32
C PRO A 51 -3.60 -6.67 -8.38
N GLU A 52 -3.56 -6.05 -7.21
CA GLU A 52 -3.55 -4.62 -7.10
C GLU A 52 -2.34 -4.04 -6.38
N ASP A 53 -1.33 -4.85 -6.08
CA ASP A 53 -0.12 -4.31 -5.46
C ASP A 53 0.83 -3.88 -6.57
N SER A 54 1.87 -3.15 -6.20
CA SER A 54 2.88 -2.75 -7.14
C SER A 54 4.05 -2.30 -6.32
N TRP A 55 5.17 -2.03 -6.98
CA TRP A 55 6.36 -1.61 -6.29
C TRP A 55 7.31 -0.93 -7.24
N LEU A 56 8.40 -0.43 -6.69
CA LEU A 56 9.42 0.14 -7.51
C LEU A 56 10.74 0.15 -6.72
N LYS A 57 11.82 -0.05 -7.47
CA LYS A 57 13.19 -0.07 -6.95
C LYS A 57 14.08 0.53 -8.04
N PHE A 58 14.33 1.83 -7.94
CA PHE A 58 15.12 2.50 -8.95
C PHE A 58 16.34 3.20 -8.35
N ARG A 59 17.39 3.30 -9.15
CA ARG A 59 18.59 4.01 -8.74
C ARG A 59 18.75 5.13 -9.74
N SER A 60 18.84 6.36 -9.26
CA SER A 60 19.02 7.54 -10.12
C SER A 60 20.48 7.81 -10.44
N GLU A 61 20.75 9.03 -10.89
CA GLU A 61 22.10 9.44 -11.24
C GLU A 61 23.08 9.13 -10.13
N ASN A 62 23.05 9.95 -9.09
CA ASN A 62 23.95 9.79 -7.97
C ASN A 62 23.70 8.50 -7.21
N ASN A 63 24.12 8.51 -5.95
CA ASN A 63 23.90 7.40 -5.06
C ASN A 63 22.51 7.76 -4.49
N CYS A 64 21.56 7.89 -5.41
CA CYS A 64 20.18 8.20 -5.08
C CYS A 64 19.28 7.01 -5.45
N PHE A 65 18.59 6.46 -4.45
CA PHE A 65 17.71 5.31 -4.66
C PHE A 65 16.31 5.57 -4.16
N LEU A 66 15.36 5.03 -4.93
CA LEU A 66 13.92 5.13 -4.66
C LEU A 66 13.26 3.74 -4.63
N TYR A 67 12.55 3.45 -3.56
CA TYR A 67 11.87 2.17 -3.43
C TYR A 67 10.49 2.43 -3.00
N GLY A 68 9.55 1.59 -3.41
CA GLY A 68 8.19 1.77 -2.95
C GLY A 68 7.35 0.52 -3.08
N VAL A 69 6.36 0.40 -2.20
CA VAL A 69 5.44 -0.70 -2.24
C VAL A 69 4.07 -0.05 -2.12
N PHE A 70 3.19 -0.40 -3.03
CA PHE A 70 1.88 0.20 -3.08
C PHE A 70 0.78 -0.82 -3.00
N ASN A 71 -0.27 -0.47 -2.29
CA ASN A 71 -1.39 -1.36 -2.13
C ASN A 71 -2.70 -0.73 -2.61
N GLY A 72 -3.23 -1.25 -3.71
CA GLY A 72 -4.47 -0.68 -4.21
C GLY A 72 -5.71 -1.45 -3.83
N TYR A 73 -6.86 -0.84 -4.08
CA TYR A 73 -8.13 -1.55 -3.86
C TYR A 73 -9.09 -0.97 -4.88
N ASP A 74 -10.16 -1.71 -5.24
CA ASP A 74 -11.11 -1.22 -6.25
C ASP A 74 -10.40 -1.04 -7.62
N GLY A 75 -9.58 -1.99 -8.00
CA GLY A 75 -8.88 -1.87 -9.27
C GLY A 75 -7.43 -1.54 -8.98
N ASN A 76 -6.60 -1.63 -10.01
CA ASN A 76 -5.18 -1.29 -9.88
C ASN A 76 -4.77 -0.06 -10.70
N ARG A 77 -5.75 0.72 -11.18
CA ARG A 77 -5.46 1.92 -11.96
C ARG A 77 -4.80 2.97 -11.09
N VAL A 78 -5.23 3.10 -9.83
CA VAL A 78 -4.62 4.10 -9.03
C VAL A 78 -3.19 3.68 -8.64
N THR A 79 -3.01 2.40 -8.34
CA THR A 79 -1.73 1.83 -7.95
C THR A 79 -0.73 2.21 -9.05
N ASN A 80 -1.06 1.92 -10.31
CA ASN A 80 -0.13 2.23 -11.41
C ASN A 80 0.02 3.73 -11.66
N PHE A 81 -1.05 4.52 -11.47
CA PHE A 81 -0.95 5.95 -11.66
C PHE A 81 0.07 6.49 -10.65
N VAL A 82 -0.10 6.14 -9.37
CA VAL A 82 0.81 6.57 -8.31
C VAL A 82 2.28 6.15 -8.54
N ALA A 83 2.54 4.89 -8.88
CA ALA A 83 3.90 4.45 -9.11
C ALA A 83 4.57 5.27 -10.22
N GLN A 84 3.85 5.48 -11.32
CA GLN A 84 4.36 6.20 -12.47
C GLN A 84 4.58 7.69 -12.19
N ARG A 85 3.63 8.32 -11.52
CA ARG A 85 3.74 9.74 -11.30
C ARG A 85 4.74 10.12 -10.24
N LEU A 86 4.79 9.31 -9.18
CA LEU A 86 5.73 9.55 -8.09
C LEU A 86 7.15 9.45 -8.69
N SER A 87 7.35 8.53 -9.64
CA SER A 87 8.66 8.40 -10.30
C SER A 87 8.97 9.68 -11.06
N ALA A 88 8.00 10.19 -11.77
CA ALA A 88 8.17 11.41 -12.56
C ALA A 88 8.46 12.62 -11.68
N GLU A 89 7.90 12.65 -10.47
CA GLU A 89 8.11 13.77 -9.56
C GLU A 89 9.37 13.67 -8.70
N LEU A 90 10.09 12.56 -8.78
CA LEU A 90 11.29 12.40 -7.95
C LEU A 90 12.60 11.98 -8.65
N LEU A 91 12.51 11.25 -9.74
CA LEU A 91 13.70 10.76 -10.42
C LEU A 91 14.04 11.51 -11.68
N LEU A 92 13.47 12.70 -11.80
CA LEU A 92 13.70 13.47 -13.00
C LEU A 92 14.41 14.77 -12.65
N GLY A 93 15.23 14.72 -11.60
CA GLY A 93 15.98 15.88 -11.16
C GLY A 93 15.64 16.46 -9.79
N GLN A 94 14.37 16.39 -9.39
CA GLN A 94 13.90 16.94 -8.11
C GLN A 94 14.66 16.51 -6.86
N LEU A 95 15.26 15.34 -6.91
CA LEU A 95 16.02 14.81 -5.78
C LEU A 95 17.51 15.05 -6.04
N ASN A 96 18.17 15.73 -5.11
CA ASN A 96 19.59 15.95 -5.30
C ASN A 96 20.41 15.43 -4.12
N ALA A 97 21.56 14.84 -4.42
CA ALA A 97 22.44 14.28 -3.40
C ALA A 97 22.80 15.31 -2.33
N GLU A 98 23.18 16.51 -2.78
CA GLU A 98 23.57 17.59 -1.90
C GLU A 98 22.40 18.39 -1.32
N HIS A 99 21.27 17.74 -1.07
CA HIS A 99 20.14 18.46 -0.51
C HIS A 99 20.11 18.24 0.97
N ALA A 100 19.61 19.23 1.70
CA ALA A 100 19.49 19.12 3.14
C ALA A 100 18.26 18.29 3.44
N GLU A 101 18.17 17.78 4.67
CA GLU A 101 17.04 16.97 5.07
C GLU A 101 15.74 17.71 4.86
N ALA A 102 15.74 18.99 5.21
CA ALA A 102 14.53 19.80 5.06
C ALA A 102 14.09 19.86 3.60
N ASP A 103 15.05 19.83 2.68
CA ASP A 103 14.76 19.88 1.26
C ASP A 103 14.09 18.59 0.83
N VAL A 104 14.68 17.47 1.25
CA VAL A 104 14.15 16.17 0.91
C VAL A 104 12.74 15.99 1.45
N ARG A 105 12.47 16.50 2.65
CA ARG A 105 11.14 16.38 3.23
C ARG A 105 10.15 17.13 2.31
N ARG A 106 10.53 18.34 1.91
CA ARG A 106 9.70 19.19 1.06
C ARG A 106 9.47 18.55 -0.32
N VAL A 107 10.52 18.01 -0.91
CA VAL A 107 10.38 17.35 -2.19
C VAL A 107 9.42 16.15 -2.18
N LEU A 108 9.48 15.33 -1.13
CA LEU A 108 8.59 14.18 -0.96
C LEU A 108 7.14 14.66 -0.74
N LEU A 109 7.01 15.67 0.10
CA LEU A 109 5.70 16.23 0.41
C LEU A 109 5.02 16.79 -0.85
N GLN A 110 5.80 17.44 -1.71
CA GLN A 110 5.28 18.00 -2.95
C GLN A 110 4.97 16.90 -3.95
N ALA A 111 5.82 15.88 -4.01
CA ALA A 111 5.59 14.78 -4.92
C ALA A 111 4.24 14.11 -4.60
N PHE A 112 3.93 13.88 -3.33
CA PHE A 112 2.67 13.25 -3.02
C PHE A 112 1.50 14.17 -3.26
N ASP A 113 1.68 15.46 -3.00
CA ASP A 113 0.60 16.43 -3.23
C ASP A 113 0.25 16.53 -4.72
N VAL A 114 1.28 16.53 -5.56
CA VAL A 114 1.09 16.57 -7.00
C VAL A 114 0.44 15.27 -7.45
N VAL A 115 0.87 14.14 -6.89
CA VAL A 115 0.27 12.87 -7.32
C VAL A 115 -1.22 12.87 -6.96
N GLU A 116 -1.57 13.27 -5.76
CA GLU A 116 -2.98 13.26 -5.39
C GLU A 116 -3.81 14.25 -6.24
N ARG A 117 -3.38 15.51 -6.37
CA ARG A 117 -4.15 16.49 -7.16
C ARG A 117 -4.27 16.13 -8.64
N SER A 118 -3.20 15.61 -9.22
CA SER A 118 -3.26 15.29 -10.62
C SER A 118 -4.11 14.06 -10.84
N PHE A 119 -4.19 13.16 -9.86
CA PHE A 119 -5.06 11.99 -10.05
C PHE A 119 -6.53 12.43 -10.07
N LEU A 120 -6.91 13.28 -9.14
CA LEU A 120 -8.28 13.76 -9.07
C LEU A 120 -8.62 14.60 -10.33
N GLU A 121 -7.67 15.35 -10.87
CA GLU A 121 -7.94 16.10 -12.07
C GLU A 121 -8.10 15.10 -13.22
N SER A 122 -7.39 13.98 -13.18
CA SER A 122 -7.50 13.04 -14.28
C SER A 122 -8.85 12.38 -14.43
N ILE A 123 -9.67 12.34 -13.37
CA ILE A 123 -10.96 11.68 -13.48
C ILE A 123 -12.13 12.68 -13.55
N ASP A 124 -11.84 13.98 -13.46
CA ASP A 124 -12.90 14.99 -13.47
C ASP A 124 -13.97 14.91 -14.56
N ASP A 125 -13.53 14.78 -15.82
CA ASP A 125 -14.42 14.69 -16.97
C ASP A 125 -15.31 13.48 -16.86
N ALA A 126 -14.70 12.34 -16.59
CA ALA A 126 -15.45 11.12 -16.43
C ALA A 126 -16.46 11.26 -15.30
N LEU A 127 -16.14 12.02 -14.25
CA LEU A 127 -17.10 12.17 -13.15
C LEU A 127 -18.31 12.93 -13.65
N ALA A 128 -18.06 13.93 -14.50
CA ALA A 128 -19.11 14.77 -15.06
C ALA A 128 -19.95 13.95 -16.04
N GLU A 129 -19.29 13.14 -16.86
CA GLU A 129 -20.03 12.32 -17.80
C GLU A 129 -20.90 11.33 -17.00
N LYS A 130 -20.36 10.83 -15.89
CA LYS A 130 -21.09 9.89 -15.07
C LYS A 130 -22.38 10.53 -14.56
N ALA A 131 -22.25 11.76 -14.05
CA ALA A 131 -23.40 12.49 -13.53
C ALA A 131 -24.44 12.70 -14.63
N SER A 132 -23.98 13.04 -15.82
CA SER A 132 -24.93 13.24 -16.89
C SER A 132 -25.64 11.92 -17.27
N LEU A 133 -24.92 10.80 -17.30
CA LEU A 133 -25.56 9.52 -17.64
C LEU A 133 -26.53 9.11 -16.54
N GLN A 134 -26.17 9.37 -15.29
CA GLN A 134 -27.06 9.02 -14.19
C GLN A 134 -28.36 9.81 -14.26
N SER A 135 -28.29 11.05 -14.71
CA SER A 135 -29.47 11.88 -14.84
C SER A 135 -30.41 11.28 -15.92
N GLN A 136 -29.85 10.57 -16.90
CA GLN A 136 -30.66 9.94 -17.95
C GLN A 136 -31.19 8.58 -17.56
N LEU A 137 -30.77 8.06 -16.43
CA LEU A 137 -31.14 6.72 -16.01
C LEU A 137 -32.16 6.66 -14.88
N PRO A 138 -33.25 5.89 -15.06
CA PRO A 138 -34.29 5.75 -14.02
C PRO A 138 -33.60 5.08 -12.82
N GLU A 139 -33.57 5.76 -11.69
CA GLU A 139 -32.90 5.21 -10.54
C GLU A 139 -33.64 4.09 -9.81
N GLY A 140 -32.89 3.13 -9.29
CA GLY A 140 -33.46 2.03 -8.52
C GLY A 140 -34.11 0.88 -9.25
N VAL A 141 -33.91 0.79 -10.56
CA VAL A 141 -34.55 -0.28 -11.30
C VAL A 141 -33.62 -1.47 -11.58
N PRO A 142 -34.03 -2.68 -11.15
CA PRO A 142 -33.19 -3.85 -11.39
C PRO A 142 -32.78 -3.99 -12.86
N GLN A 143 -31.48 -4.10 -13.06
CA GLN A 143 -30.86 -4.25 -14.36
C GLN A 143 -31.74 -4.97 -15.40
N HIS A 144 -32.25 -6.16 -15.05
CA HIS A 144 -33.05 -6.94 -15.99
C HIS A 144 -34.38 -6.30 -16.41
N GLN A 145 -34.95 -5.47 -15.53
CA GLN A 145 -36.21 -4.81 -15.85
C GLN A 145 -36.00 -3.55 -16.68
N LEU A 146 -34.74 -3.18 -16.89
CA LEU A 146 -34.45 -2.00 -17.67
C LEU A 146 -34.60 -2.27 -19.17
N PRO A 147 -35.46 -1.50 -19.86
CA PRO A 147 -35.57 -1.78 -21.29
C PRO A 147 -34.22 -1.61 -21.94
N PRO A 148 -34.06 -2.12 -23.18
CA PRO A 148 -32.81 -2.06 -23.96
C PRO A 148 -32.24 -0.65 -24.05
N GLN A 149 -33.10 0.32 -24.26
CA GLN A 149 -32.65 1.71 -24.36
C GLN A 149 -31.72 2.11 -23.19
N TYR A 150 -32.22 1.94 -21.96
CA TYR A 150 -31.46 2.30 -20.78
C TYR A 150 -30.37 1.28 -20.46
N GLN A 151 -30.36 0.18 -21.20
CA GLN A 151 -29.36 -0.87 -20.96
C GLN A 151 -28.01 -0.35 -21.42
N LYS A 152 -27.98 0.18 -22.64
CA LYS A 152 -26.76 0.71 -23.20
C LYS A 152 -26.12 1.79 -22.28
N ILE A 153 -26.94 2.70 -21.75
CA ILE A 153 -26.43 3.76 -20.86
C ILE A 153 -25.81 3.16 -19.61
N LEU A 154 -26.49 2.18 -19.03
CA LEU A 154 -26.02 1.51 -17.84
C LEU A 154 -24.61 0.96 -18.07
N GLU A 155 -24.40 0.32 -19.23
CA GLU A 155 -23.11 -0.26 -19.60
C GLU A 155 -22.04 0.80 -19.69
N ARG A 156 -22.41 1.95 -20.24
CA ARG A 156 -21.45 3.03 -20.37
C ARG A 156 -21.10 3.50 -18.94
N LEU A 157 -22.06 3.45 -18.03
CA LEU A 157 -21.83 3.87 -16.66
C LEU A 157 -20.84 2.92 -15.97
N LYS A 158 -20.95 1.63 -16.25
CA LYS A 158 -20.06 0.65 -15.65
C LYS A 158 -18.64 0.84 -16.20
N THR A 159 -18.53 1.14 -17.48
CA THR A 159 -17.23 1.39 -18.05
C THR A 159 -16.60 2.64 -17.41
N LEU A 160 -17.38 3.70 -17.18
CA LEU A 160 -16.81 4.90 -16.54
C LEU A 160 -16.41 4.62 -15.11
N GLU A 161 -17.17 3.78 -14.43
CA GLU A 161 -16.90 3.46 -13.04
C GLU A 161 -15.53 2.77 -12.88
N ARG A 162 -15.17 1.94 -13.85
CA ARG A 162 -13.89 1.23 -13.78
C ARG A 162 -12.75 2.21 -14.03
N GLU A 163 -13.03 3.17 -14.87
CA GLU A 163 -12.05 4.14 -15.25
C GLU A 163 -11.74 5.14 -14.15
N ILE A 164 -12.69 5.43 -13.27
CA ILE A 164 -12.46 6.42 -12.22
C ILE A 164 -12.29 5.85 -10.83
N SER A 165 -12.61 4.60 -10.61
CA SER A 165 -12.50 4.10 -9.25
C SER A 165 -11.12 3.52 -8.90
N GLY A 166 -10.89 3.32 -7.61
CA GLY A 166 -9.63 2.76 -7.17
C GLY A 166 -9.00 3.67 -6.16
N GLY A 167 -8.16 3.09 -5.30
CA GLY A 167 -7.45 3.88 -4.30
C GLY A 167 -6.13 3.18 -4.07
N ALA A 168 -5.24 3.77 -3.32
CA ALA A 168 -3.97 3.10 -3.05
C ALA A 168 -3.32 3.65 -1.79
N MET A 169 -2.54 2.81 -1.13
CA MET A 169 -1.79 3.19 0.06
C MET A 169 -0.35 3.05 -0.40
N ALA A 170 0.55 3.81 0.18
CA ALA A 170 1.89 3.68 -0.30
C ALA A 170 2.95 3.95 0.74
N VAL A 171 4.01 3.15 0.74
CA VAL A 171 5.14 3.46 1.61
C VAL A 171 6.30 3.56 0.63
N VAL A 172 7.04 4.64 0.75
CA VAL A 172 8.16 4.91 -0.13
C VAL A 172 9.41 5.19 0.72
N ALA A 173 10.57 4.82 0.19
CA ALA A 173 11.82 5.02 0.88
C ALA A 173 12.81 5.52 -0.14
N VAL A 174 13.49 6.60 0.26
CA VAL A 174 14.51 7.23 -0.56
C VAL A 174 15.84 7.10 0.19
N LEU A 175 16.86 6.72 -0.55
CA LEU A 175 18.16 6.55 0.03
C LEU A 175 18.96 7.59 -0.70
N LEU A 176 19.36 8.60 0.07
CA LEU A 176 20.10 9.75 -0.47
C LEU A 176 21.37 9.93 0.35
N ASN A 177 22.52 9.92 -0.32
CA ASN A 177 23.80 10.03 0.36
C ASN A 177 23.84 9.25 1.67
N ASN A 178 23.51 7.98 1.56
CA ASN A 178 23.49 7.08 2.70
C ASN A 178 22.63 7.51 3.90
N LYS A 179 21.57 8.25 3.62
CA LYS A 179 20.61 8.60 4.66
C LYS A 179 19.31 8.07 4.07
N LEU A 180 18.48 7.51 4.93
CA LEU A 180 17.24 6.90 4.54
C LEU A 180 16.00 7.67 4.97
N TYR A 181 15.12 7.97 4.01
CA TYR A 181 13.87 8.64 4.34
C TYR A 181 12.71 7.75 3.91
N VAL A 182 11.68 7.79 4.71
CA VAL A 182 10.47 7.03 4.48
C VAL A 182 9.25 7.94 4.46
N ALA A 183 8.47 7.86 3.39
CA ALA A 183 7.23 8.64 3.26
C ALA A 183 6.11 7.59 3.28
N ASN A 184 5.10 7.77 4.11
CA ASN A 184 4.08 6.77 4.21
C ASN A 184 2.66 7.23 4.20
N VAL A 185 1.83 6.63 3.36
CA VAL A 185 0.39 6.94 3.35
C VAL A 185 -0.35 5.62 3.48
N GLY A 186 -0.86 5.37 4.68
CA GLY A 186 -1.64 4.17 4.88
C GLY A 186 -1.03 3.11 5.75
N THR A 187 -1.30 1.86 5.41
CA THR A 187 -0.87 0.76 6.22
C THR A 187 0.22 -0.18 5.75
N ASN A 188 0.98 0.21 4.73
CA ASN A 188 2.09 -0.65 4.33
C ASN A 188 3.16 -0.35 5.37
N ARG A 189 4.21 -1.16 5.43
CA ARG A 189 5.23 -0.98 6.45
C ARG A 189 6.65 -1.03 5.96
N ALA A 190 7.49 -0.27 6.66
CA ALA A 190 8.92 -0.24 6.37
C ALA A 190 9.58 -0.64 7.68
N LEU A 191 10.54 -1.57 7.58
CA LEU A 191 11.27 -2.06 8.74
C LEU A 191 12.76 -1.97 8.47
N LEU A 192 13.52 -1.50 9.46
CA LEU A 192 14.96 -1.44 9.30
C LEU A 192 15.51 -2.56 10.22
N CYS A 193 16.21 -3.51 9.65
CA CYS A 193 16.72 -4.63 10.44
C CYS A 193 18.23 -4.53 10.55
N LYS A 194 18.70 -4.20 11.75
CA LYS A 194 20.14 -4.05 11.99
C LYS A 194 20.68 -5.30 12.67
N SER A 195 21.82 -5.78 12.18
CA SER A 195 22.43 -6.94 12.82
C SER A 195 23.40 -6.36 13.85
N THR A 196 22.99 -6.45 15.12
CA THR A 196 23.79 -5.96 16.24
C THR A 196 24.58 -7.14 16.80
N VAL A 197 25.47 -6.87 17.74
CA VAL A 197 26.24 -7.94 18.33
C VAL A 197 25.27 -8.87 19.06
N ASP A 198 24.14 -8.32 19.52
CA ASP A 198 23.15 -9.11 20.24
C ASP A 198 21.89 -9.50 19.49
N GLY A 199 22.05 -10.05 18.28
CA GLY A 199 20.90 -10.48 17.49
C GLY A 199 20.48 -9.54 16.36
N LEU A 200 19.27 -9.73 15.84
CA LEU A 200 18.79 -8.86 14.76
C LEU A 200 17.86 -7.82 15.37
N GLN A 201 18.21 -6.54 15.28
CA GLN A 201 17.32 -5.53 15.85
C GLN A 201 16.30 -5.05 14.81
N VAL A 202 15.02 -5.21 15.13
CA VAL A 202 13.98 -4.83 14.20
C VAL A 202 13.15 -3.63 14.60
N THR A 203 13.16 -2.61 13.75
CA THR A 203 12.38 -1.43 14.06
C THR A 203 11.51 -0.90 12.87
N GLN A 204 10.21 -0.79 13.09
CA GLN A 204 9.28 -0.30 12.07
C GLN A 204 9.46 1.22 11.96
N LEU A 205 9.96 1.68 10.81
CA LEU A 205 10.20 3.12 10.58
C LEU A 205 8.97 3.99 10.47
N ASN A 206 7.86 3.46 10.02
CA ASN A 206 6.69 4.31 9.84
C ASN A 206 5.65 3.90 10.81
N VAL A 207 4.50 4.52 10.75
CA VAL A 207 3.44 4.14 11.63
C VAL A 207 2.19 3.90 10.79
N ASP A 208 1.42 2.89 11.18
CA ASP A 208 0.21 2.52 10.48
C ASP A 208 -0.89 3.58 10.61
N HIS A 209 -1.47 4.06 9.49
CA HIS A 209 -2.55 5.03 9.61
C HIS A 209 -3.89 4.31 9.71
N THR A 210 -4.29 3.98 10.94
CA THR A 210 -5.56 3.29 11.17
C THR A 210 -6.34 3.97 12.29
N THR A 211 -7.54 3.46 12.54
CA THR A 211 -8.40 4.01 13.59
C THR A 211 -7.86 3.58 14.95
N GLU A 212 -6.69 2.95 14.96
CA GLU A 212 -6.07 2.52 16.21
C GLU A 212 -4.86 3.40 16.45
N ASN A 213 -4.53 4.23 15.47
CA ASN A 213 -3.39 5.16 15.60
C ASN A 213 -3.99 6.37 16.33
N GLU A 214 -3.55 6.60 17.57
CA GLU A 214 -4.15 7.70 18.35
C GLU A 214 -4.04 9.06 17.71
N ASP A 215 -2.87 9.39 17.20
CA ASP A 215 -2.69 10.65 16.49
C ASP A 215 -3.69 10.80 15.32
N GLU A 216 -4.09 9.70 14.69
CA GLU A 216 -5.07 9.78 13.60
C GLU A 216 -6.47 9.93 14.18
N LEU A 217 -6.73 9.28 15.32
CA LEU A 217 -8.05 9.44 15.98
C LEU A 217 -8.19 10.89 16.42
N PHE A 218 -7.06 11.48 16.81
CA PHE A 218 -7.04 12.87 17.23
C PHE A 218 -7.35 13.76 16.01
N ARG A 219 -6.58 13.60 14.92
CA ARG A 219 -6.79 14.38 13.69
C ARG A 219 -8.27 14.31 13.27
N LEU A 220 -8.84 13.11 13.30
CA LEU A 220 -10.24 12.91 12.93
C LEU A 220 -11.18 13.56 13.94
N SER A 221 -10.70 13.74 15.18
CA SER A 221 -11.49 14.33 16.27
C SER A 221 -11.58 15.84 16.02
N GLN A 222 -10.44 16.42 15.68
CA GLN A 222 -10.34 17.83 15.36
C GLN A 222 -11.20 18.24 14.14
N LEU A 223 -11.66 17.27 13.37
CA LEU A 223 -12.49 17.55 12.19
C LEU A 223 -13.96 17.49 12.52
N GLY A 224 -14.28 17.06 13.75
CA GLY A 224 -15.67 16.96 14.16
C GLY A 224 -16.27 15.57 14.13
N LEU A 225 -15.48 14.53 13.87
CA LEU A 225 -16.03 13.19 13.87
C LEU A 225 -15.93 12.63 15.29
N ASP A 226 -16.80 11.68 15.65
CA ASP A 226 -16.76 11.04 16.98
C ASP A 226 -15.69 9.93 17.00
N ALA A 227 -14.51 10.24 17.51
CA ALA A 227 -13.42 9.25 17.56
C ALA A 227 -13.84 7.91 18.19
N GLY A 228 -14.72 7.96 19.18
CA GLY A 228 -15.16 6.73 19.82
C GLY A 228 -15.89 5.78 18.90
N LYS A 229 -16.84 6.28 18.13
CA LYS A 229 -17.58 5.41 17.21
C LYS A 229 -16.64 4.93 16.08
N ILE A 230 -15.80 5.84 15.55
CA ILE A 230 -14.85 5.50 14.48
C ILE A 230 -13.94 4.37 14.96
N LYS A 231 -13.35 4.55 16.13
CA LYS A 231 -12.45 3.58 16.76
C LYS A 231 -13.12 2.22 16.96
N GLN A 232 -14.39 2.25 17.39
CA GLN A 232 -15.13 1.02 17.61
C GLN A 232 -15.31 0.25 16.32
N VAL A 233 -15.90 0.88 15.31
CA VAL A 233 -16.14 0.27 13.99
C VAL A 233 -14.86 -0.26 13.33
N GLY A 234 -13.78 0.53 13.38
CA GLY A 234 -12.51 0.12 12.81
C GLY A 234 -12.28 0.31 11.32
N ILE A 235 -13.31 0.16 10.50
CA ILE A 235 -13.16 0.33 9.06
C ILE A 235 -14.03 1.41 8.48
N ILE A 236 -13.46 2.16 7.54
CA ILE A 236 -14.17 3.21 6.86
C ILE A 236 -14.27 2.80 5.39
N CYS A 237 -15.34 2.08 5.05
CA CYS A 237 -15.60 1.63 3.68
C CYS A 237 -14.69 0.51 3.19
N GLY A 238 -14.73 -0.63 3.85
CA GLY A 238 -13.92 -1.75 3.45
C GLY A 238 -12.43 -1.60 3.66
N GLN A 239 -11.98 -0.42 4.08
CA GLN A 239 -10.55 -0.24 4.31
C GLN A 239 -10.35 0.34 5.71
N GLU A 240 -9.28 -0.06 6.38
CA GLU A 240 -9.06 0.43 7.73
C GLU A 240 -8.11 1.60 7.72
N SER A 241 -7.43 1.77 6.59
CA SER A 241 -6.46 2.87 6.43
C SER A 241 -7.17 4.23 6.54
N THR A 242 -6.59 5.15 7.31
CA THR A 242 -7.17 6.49 7.49
C THR A 242 -6.51 7.49 6.52
N ARG A 243 -5.52 7.04 5.75
CA ARG A 243 -4.89 7.87 4.71
C ARG A 243 -4.80 7.03 3.44
N ARG A 244 -5.26 7.61 2.34
CA ARG A 244 -5.27 6.88 1.07
C ARG A 244 -5.08 7.89 -0.02
N ILE A 245 -4.63 7.41 -1.16
CA ILE A 245 -4.41 8.24 -2.31
C ILE A 245 -5.55 7.87 -3.24
N GLY A 246 -6.14 8.85 -3.91
CA GLY A 246 -7.26 8.55 -4.79
C GLY A 246 -8.53 8.28 -4.02
N ASP A 247 -9.34 7.35 -4.53
CA ASP A 247 -10.63 6.98 -3.93
C ASP A 247 -11.61 8.17 -3.93
N TYR A 248 -12.16 8.49 -5.09
CA TYR A 248 -13.08 9.62 -5.17
C TYR A 248 -14.30 9.46 -4.27
N LYS A 249 -14.77 8.23 -4.05
CA LYS A 249 -15.93 8.01 -3.19
C LYS A 249 -15.70 8.67 -1.82
N VAL A 250 -14.53 8.49 -1.25
CA VAL A 250 -14.29 9.04 0.06
C VAL A 250 -13.71 10.47 0.05
N LYS A 251 -13.09 10.86 -1.04
CA LYS A 251 -12.54 12.22 -1.12
C LYS A 251 -13.64 13.24 -1.44
N TYR A 252 -14.67 12.83 -2.19
CA TYR A 252 -15.71 13.78 -2.54
C TYR A 252 -17.05 13.59 -1.83
N GLY A 253 -17.50 12.34 -1.71
CA GLY A 253 -18.77 12.10 -1.06
C GLY A 253 -18.71 11.57 0.35
N TYR A 254 -17.83 12.11 1.20
CA TYR A 254 -17.74 11.64 2.58
C TYR A 254 -18.85 12.30 3.39
N THR A 255 -19.32 13.44 2.89
CA THR A 255 -20.40 14.17 3.53
C THR A 255 -21.51 13.14 3.75
N ASP A 256 -21.74 12.32 2.74
CA ASP A 256 -22.78 11.31 2.77
C ASP A 256 -22.33 9.92 3.25
N ILE A 257 -21.41 9.85 4.21
CA ILE A 257 -20.98 8.55 4.70
C ILE A 257 -20.95 8.46 6.22
N ASP A 258 -22.10 8.17 6.81
CA ASP A 258 -22.26 8.01 8.26
C ASP A 258 -21.13 8.47 9.18
N LEU A 259 -20.16 7.59 9.38
CA LEU A 259 -19.02 7.88 10.26
C LEU A 259 -18.37 9.21 9.95
N LEU A 260 -18.37 9.57 8.67
CA LEU A 260 -17.73 10.79 8.19
C LEU A 260 -18.65 12.01 8.05
N SER A 261 -19.96 11.77 8.05
CA SER A 261 -20.99 12.82 7.93
C SER A 261 -20.67 14.19 8.53
N ALA A 262 -20.16 14.17 9.76
CA ALA A 262 -19.83 15.40 10.47
C ALA A 262 -18.52 16.07 10.13
N ALA A 263 -17.67 15.42 9.34
CA ALA A 263 -16.37 15.99 9.01
C ALA A 263 -16.40 17.43 8.47
N LYS A 264 -15.52 18.26 9.00
CA LYS A 264 -15.41 19.66 8.57
C LYS A 264 -14.55 19.74 7.29
N SER A 265 -13.68 18.75 7.12
CA SER A 265 -12.82 18.68 5.94
C SER A 265 -12.57 17.19 5.69
N LYS A 266 -11.89 16.86 4.59
CA LYS A 266 -11.61 15.46 4.24
C LYS A 266 -11.07 14.61 5.43
N PRO A 267 -11.84 13.60 5.87
CA PRO A 267 -11.42 12.72 6.97
C PRO A 267 -10.22 11.87 6.49
N ILE A 268 -10.38 11.27 5.30
CA ILE A 268 -9.31 10.46 4.70
C ILE A 268 -8.45 11.34 3.78
N ILE A 269 -7.22 11.58 4.18
CA ILE A 269 -6.34 12.43 3.38
C ILE A 269 -5.25 11.66 2.68
N ALA A 270 -4.52 12.34 1.81
CA ALA A 270 -3.47 11.69 1.02
C ALA A 270 -2.10 12.24 1.36
N GLU A 271 -2.02 13.03 2.44
CA GLU A 271 -0.73 13.58 2.82
C GLU A 271 0.12 12.51 3.48
N PRO A 272 1.40 12.41 3.12
CA PRO A 272 2.28 11.39 3.74
C PRO A 272 2.83 11.85 5.06
N GLU A 273 3.30 10.92 5.87
CA GLU A 273 3.93 11.25 7.13
C GLU A 273 5.33 10.91 6.70
N ILE A 274 6.27 11.83 6.93
CA ILE A 274 7.68 11.67 6.51
C ILE A 274 8.50 11.38 7.75
N HIS A 275 9.34 10.35 7.71
CA HIS A 275 10.09 10.00 8.89
C HIS A 275 11.54 10.35 8.80
N GLY A 276 11.97 11.12 9.82
CA GLY A 276 13.32 11.66 9.96
C GLY A 276 14.44 10.92 9.29
N ALA A 277 15.44 11.63 8.76
CA ALA A 277 16.54 10.90 8.12
C ALA A 277 17.14 9.85 9.08
N GLN A 278 17.47 8.69 8.52
CA GLN A 278 18.06 7.60 9.29
C GLN A 278 19.46 7.43 8.74
N PRO A 279 20.48 7.68 9.56
CA PRO A 279 21.83 7.52 9.02
C PRO A 279 22.08 6.03 8.86
N LEU A 280 22.74 5.66 7.78
CA LEU A 280 23.00 4.24 7.53
C LEU A 280 24.47 3.88 7.47
N ASP A 281 25.34 4.84 7.78
CA ASP A 281 26.79 4.60 7.76
C ASP A 281 27.19 3.53 8.77
N GLY A 282 27.93 2.54 8.28
CA GLY A 282 28.39 1.45 9.14
C GLY A 282 27.29 0.62 9.79
N VAL A 283 26.11 0.65 9.17
CA VAL A 283 24.98 -0.12 9.64
C VAL A 283 25.02 -1.36 8.76
N THR A 284 24.74 -2.51 9.36
CA THR A 284 24.73 -3.71 8.55
C THR A 284 23.42 -4.39 8.82
N GLY A 285 22.68 -4.57 7.74
CA GLY A 285 21.37 -5.18 7.84
C GLY A 285 20.62 -5.02 6.54
N PHE A 286 19.31 -4.89 6.66
CA PHE A 286 18.49 -4.72 5.50
C PHE A 286 17.22 -3.95 5.82
N LEU A 287 16.63 -3.41 4.76
CA LEU A 287 15.39 -2.63 4.84
C LEU A 287 14.29 -3.49 4.25
N VAL A 288 13.15 -3.49 4.90
CA VAL A 288 12.00 -4.23 4.42
C VAL A 288 10.80 -3.31 4.14
N LEU A 289 10.23 -3.38 2.93
CA LEU A 289 8.98 -2.66 2.63
C LEU A 289 7.96 -3.78 2.33
N MET A 290 6.80 -3.74 2.94
CA MET A 290 5.84 -4.78 2.69
C MET A 290 4.41 -4.28 2.71
N SER A 291 3.56 -4.94 1.94
CA SER A 291 2.19 -4.54 1.85
C SER A 291 1.36 -5.15 2.95
N GLU A 292 0.24 -4.49 3.21
CA GLU A 292 -0.71 -4.87 4.21
C GLU A 292 -1.11 -6.32 4.08
N GLY A 293 -1.29 -6.79 2.85
CA GLY A 293 -1.72 -8.18 2.64
C GLY A 293 -0.76 -9.23 3.21
N LEU A 294 0.53 -8.95 3.12
CA LEU A 294 1.51 -9.90 3.62
C LEU A 294 1.49 -10.02 5.15
N TYR A 295 1.71 -8.92 5.86
CA TYR A 295 1.70 -9.09 7.32
C TYR A 295 0.32 -9.45 7.89
N LYS A 296 -0.76 -8.95 7.31
CA LYS A 296 -2.06 -9.30 7.82
C LYS A 296 -2.28 -10.81 7.75
N ALA A 297 -1.75 -11.47 6.70
CA ALA A 297 -1.97 -12.90 6.52
C ALA A 297 -1.25 -13.67 7.59
N LEU A 298 -0.02 -13.27 7.88
CA LEU A 298 0.75 -13.89 8.92
C LEU A 298 0.01 -13.73 10.25
N GLU A 299 -0.46 -12.53 10.53
CA GLU A 299 -1.16 -12.36 11.78
C GLU A 299 -2.45 -13.13 11.79
N ALA A 300 -3.11 -13.30 10.66
CA ALA A 300 -4.35 -14.07 10.74
C ALA A 300 -4.05 -15.51 11.15
N ALA A 301 -2.88 -16.02 10.76
CA ALA A 301 -2.54 -17.40 11.08
C ALA A 301 -1.83 -17.59 12.40
N HIS A 302 -0.94 -16.69 12.76
CA HIS A 302 -0.18 -16.81 14.00
C HIS A 302 -0.70 -15.97 15.16
N GLY A 303 -1.68 -15.11 14.90
CA GLY A 303 -2.21 -14.24 15.94
C GLY A 303 -1.70 -12.79 15.98
N PRO A 304 -2.39 -11.95 16.76
CA PRO A 304 -2.12 -10.52 16.97
C PRO A 304 -0.70 -10.07 17.20
N GLY A 305 -0.29 -9.05 16.47
CA GLY A 305 1.01 -8.46 16.65
C GLY A 305 2.41 -9.03 16.47
N GLN A 306 2.62 -10.22 15.89
CA GLN A 306 4.04 -10.62 15.75
C GLN A 306 4.61 -10.60 14.34
N ALA A 307 3.80 -10.22 13.36
CA ALA A 307 4.26 -10.20 11.98
C ALA A 307 5.65 -9.56 11.80
N ASN A 308 5.93 -8.39 12.38
CA ASN A 308 7.26 -7.83 12.12
C ASN A 308 8.45 -8.67 12.50
N GLN A 309 8.44 -9.22 13.71
CA GLN A 309 9.53 -10.05 14.17
C GLN A 309 9.58 -11.33 13.33
N GLU A 310 8.44 -11.94 13.09
CA GLU A 310 8.44 -13.15 12.30
C GLU A 310 8.98 -12.88 10.91
N ILE A 311 8.36 -11.94 10.18
CA ILE A 311 8.86 -11.67 8.84
C ILE A 311 10.34 -11.36 8.85
N ALA A 312 10.82 -10.54 9.78
CA ALA A 312 12.25 -10.23 9.76
C ALA A 312 13.09 -11.50 10.02
N ALA A 313 12.59 -12.41 10.86
CA ALA A 313 13.30 -13.64 11.18
C ALA A 313 13.28 -14.55 9.95
N MET A 314 12.13 -14.66 9.29
CA MET A 314 12.06 -15.47 8.06
C MET A 314 13.07 -14.91 7.02
N ILE A 315 13.13 -13.60 6.85
CA ILE A 315 14.04 -13.04 5.87
C ILE A 315 15.50 -13.35 6.25
N ASP A 316 15.77 -13.34 7.56
CA ASP A 316 17.09 -13.62 8.14
C ASP A 316 17.54 -15.01 7.71
N THR A 317 16.67 -15.96 7.95
CA THR A 317 16.89 -17.34 7.59
C THR A 317 17.17 -17.45 6.08
N GLU A 318 16.28 -16.91 5.24
CA GLU A 318 16.48 -17.02 3.78
C GLU A 318 17.76 -16.38 3.29
N PHE A 319 18.25 -15.37 4.01
CA PHE A 319 19.47 -14.71 3.53
C PHE A 319 20.62 -15.71 3.42
N ALA A 320 20.60 -16.70 4.31
CA ALA A 320 21.67 -17.69 4.35
C ALA A 320 21.51 -18.81 3.32
N LYS A 321 20.29 -19.06 2.89
CA LYS A 321 20.02 -20.13 1.95
C LYS A 321 19.87 -19.73 0.47
N GLN A 322 19.24 -18.59 0.20
CA GLN A 322 19.02 -18.20 -1.18
C GLN A 322 20.22 -17.55 -1.88
N THR A 323 20.14 -17.39 -3.19
CA THR A 323 21.25 -16.82 -3.93
C THR A 323 21.01 -15.48 -4.62
N SER A 324 19.86 -14.87 -4.36
CA SER A 324 19.53 -13.54 -4.91
C SER A 324 18.53 -12.93 -3.93
N LEU A 325 18.47 -11.60 -3.89
CA LEU A 325 17.53 -10.95 -2.98
C LEU A 325 16.08 -11.20 -3.40
N ASP A 326 15.88 -11.46 -4.69
CA ASP A 326 14.54 -11.74 -5.18
C ASP A 326 14.13 -13.09 -4.61
N ALA A 327 15.04 -14.06 -4.69
CA ALA A 327 14.73 -15.38 -4.12
C ALA A 327 14.54 -15.25 -2.59
N VAL A 328 15.34 -14.39 -1.95
CA VAL A 328 15.15 -14.22 -0.50
C VAL A 328 13.71 -13.75 -0.27
N ALA A 329 13.33 -12.66 -0.93
CA ALA A 329 12.00 -12.09 -0.75
C ALA A 329 10.88 -13.02 -1.17
N GLN A 330 11.04 -13.68 -2.30
CA GLN A 330 9.97 -14.56 -2.78
C GLN A 330 9.79 -15.79 -1.88
N ALA A 331 10.89 -16.28 -1.32
CA ALA A 331 10.79 -17.43 -0.41
C ALA A 331 9.95 -17.05 0.84
N VAL A 332 10.19 -15.86 1.39
CA VAL A 332 9.42 -15.48 2.55
C VAL A 332 7.98 -15.36 2.15
N VAL A 333 7.71 -14.77 1.00
CA VAL A 333 6.32 -14.63 0.62
C VAL A 333 5.72 -16.03 0.47
N ASP A 334 6.44 -16.95 -0.14
CA ASP A 334 5.90 -18.32 -0.27
C ASP A 334 5.68 -19.03 1.08
N ARG A 335 6.56 -18.84 2.06
CA ARG A 335 6.36 -19.45 3.38
C ARG A 335 5.09 -18.94 4.04
N VAL A 336 4.88 -17.63 3.98
CA VAL A 336 3.66 -17.03 4.58
C VAL A 336 2.40 -17.58 3.90
N LYS A 337 2.45 -17.82 2.59
CA LYS A 337 1.29 -18.36 1.89
C LYS A 337 1.01 -19.77 2.40
N ARG A 338 2.06 -20.59 2.53
CA ARG A 338 1.90 -21.96 3.00
C ARG A 338 1.35 -21.97 4.45
N ILE A 339 1.95 -21.16 5.32
CA ILE A 339 1.49 -21.08 6.71
C ILE A 339 0.00 -20.77 6.72
N HIS A 340 -0.37 -19.80 5.91
CA HIS A 340 -1.74 -19.39 5.81
C HIS A 340 -2.69 -20.49 5.29
N SER A 341 -2.40 -21.12 4.15
CA SER A 341 -3.32 -22.14 3.65
C SER A 341 -3.33 -23.38 4.57
N ASP A 342 -2.18 -23.77 5.11
CA ASP A 342 -2.20 -24.89 6.02
C ASP A 342 -3.14 -24.61 7.18
N THR A 343 -3.05 -23.41 7.75
CA THR A 343 -3.91 -23.08 8.88
C THR A 343 -5.38 -23.21 8.52
N PHE A 344 -5.75 -22.76 7.35
CA PHE A 344 -7.15 -22.88 6.95
C PHE A 344 -7.49 -24.35 6.73
N ALA A 345 -6.57 -25.07 6.11
CA ALA A 345 -6.80 -26.47 5.80
C ALA A 345 -6.81 -27.37 7.05
N SER A 346 -5.99 -27.05 8.05
CA SER A 346 -5.92 -27.86 9.26
C SER A 346 -7.24 -27.87 10.03
N GLY A 347 -8.17 -27.01 9.64
CA GLY A 347 -9.45 -26.93 10.33
C GLY A 347 -9.30 -26.55 11.80
N GLY A 348 -8.05 -26.32 12.21
CA GLY A 348 -7.74 -25.96 13.60
C GLY A 348 -8.36 -24.71 14.20
N GLU A 349 -7.72 -24.18 15.23
CA GLU A 349 -8.21 -23.02 15.96
C GLU A 349 -8.32 -21.69 15.21
N ARG A 350 -7.33 -21.38 14.38
CA ARG A 350 -7.34 -20.13 13.64
C ARG A 350 -7.84 -20.24 12.19
N ALA A 351 -8.22 -21.44 11.77
CA ALA A 351 -8.71 -21.65 10.42
C ALA A 351 -9.79 -20.65 10.05
N ARG A 352 -10.57 -20.24 11.03
CA ARG A 352 -11.67 -19.32 10.79
C ARG A 352 -11.19 -17.94 10.35
N PHE A 353 -9.95 -17.62 10.68
CA PHE A 353 -9.36 -16.32 10.33
C PHE A 353 -8.63 -16.32 8.96
N CYS A 354 -8.45 -17.49 8.36
CA CYS A 354 -7.73 -17.64 7.11
C CYS A 354 -8.50 -18.17 5.87
N PRO A 355 -9.74 -17.73 5.64
CA PRO A 355 -10.43 -18.27 4.44
C PRO A 355 -9.92 -17.69 3.11
N ARG A 356 -9.20 -16.58 3.18
CA ARG A 356 -8.65 -15.92 2.01
C ARG A 356 -7.56 -14.98 2.46
N HIS A 357 -6.71 -14.59 1.54
CA HIS A 357 -5.66 -13.64 1.86
C HIS A 357 -5.56 -12.66 0.72
N GLU A 358 -4.96 -11.51 0.99
CA GLU A 358 -4.84 -10.48 -0.02
C GLU A 358 -3.52 -10.54 -0.75
N ASP A 359 -3.24 -9.54 -1.60
CA ASP A 359 -1.99 -9.51 -2.35
C ASP A 359 -0.85 -9.31 -1.40
N MET A 360 0.28 -9.90 -1.72
CA MET A 360 1.43 -9.78 -0.85
C MET A 360 2.60 -9.28 -1.63
N THR A 361 3.27 -8.27 -1.10
CA THR A 361 4.47 -7.78 -1.74
C THR A 361 5.50 -7.56 -0.68
N LEU A 362 6.71 -8.00 -0.98
CA LEU A 362 7.80 -7.84 -0.06
C LEU A 362 8.99 -7.36 -0.85
N LEU A 363 9.55 -6.23 -0.44
CA LEU A 363 10.74 -5.70 -1.09
C LEU A 363 11.86 -5.64 -0.05
N VAL A 364 13.02 -6.12 -0.41
CA VAL A 364 14.15 -6.12 0.48
C VAL A 364 15.31 -5.40 -0.17
N ARG A 365 15.86 -4.45 0.56
CA ARG A 365 16.97 -3.65 0.10
C ARG A 365 18.08 -4.02 1.10
N ASN A 366 19.18 -4.54 0.58
CA ASN A 366 20.29 -5.00 1.41
C ASN A 366 21.34 -3.95 1.77
N PHE A 367 21.74 -3.91 3.05
CA PHE A 367 22.81 -3.00 3.48
C PHE A 367 23.98 -3.84 4.04
N GLY A 368 24.70 -4.49 3.13
CA GLY A 368 25.84 -5.32 3.49
C GLY A 368 25.66 -6.65 4.21
N TYR A 369 24.42 -7.09 4.41
CA TYR A 369 24.19 -8.37 5.08
C TYR A 369 24.65 -9.44 4.11
N PRO A 370 25.29 -10.51 4.61
CA PRO A 370 25.78 -11.60 3.73
C PRO A 370 24.66 -12.46 3.14
N LEU A 371 24.81 -12.80 1.88
CA LEU A 371 23.83 -13.60 1.13
C LEU A 371 24.40 -14.91 0.60
N GLY A 372 23.78 -16.04 0.98
CA GLY A 372 24.27 -17.33 0.51
C GLY A 372 25.48 -17.90 1.27
MN MN B . -4.95 -4.36 -1.92
#